data_2IES
#
_entry.id   2IES
#
_cell.length_a   98.85
_cell.length_b   98.85
_cell.length_c   125.66
_cell.angle_alpha   90
_cell.angle_beta   90
_cell.angle_gamma   120
#
_symmetry.space_group_name_H-M   'P 61'
#
loop_
_entity.id
_entity.type
_entity.pdbx_description
1 polymer 'UDP-3-O-[3-hydroxymyristoyl] N-acetylglucosamine deacetylase'
2 non-polymer 'ZINC ION'
3 non-polymer 'PYROPHOSPHATE 2-'
4 non-polymer 'PALMITIC ACID'
5 non-polymer 'CHLORIDE ION'
6 water water
#
_entity_poly.entity_id   1
_entity_poly.type   'polypeptide(L)'
_entity_poly.pdbx_seq_one_letter_code
;MGLEKTVKEKLSFEGVGIHTGEYSKLIIHPEKEGTGIRFFKNGVYIPARHEFVVHTNHSTDLGFKGQRIKTVEHILSVLH
LLEITNVTIEVIGNEIPILDGSGWEFYEAIRKNILNQNREIDYFVVEEPIIVEDEGRLIKAEPSDTLEVTYEGEFKNFLG
RQKFTFVEGNEEEIVLARTFAFDWEIEHIKKVGLGKGGSLKNTLVLGKDKVYNPEGLRYENEPVRHKVFDLIGDLYLLGS
PVKGKFYSFRGGHSLNVKLVKELAKKQKLTR
;
_entity_poly.pdbx_strand_id   A,B
#
# COMPACT_ATOMS: atom_id res chain seq x y z
N GLY A 2 37.29 4.36 21.25
CA GLY A 2 37.27 5.02 19.92
C GLY A 2 37.21 6.52 20.03
N LEU A 3 37.51 7.20 18.93
CA LEU A 3 37.47 8.66 18.91
C LEU A 3 36.11 9.14 18.46
N GLU A 4 35.72 10.33 18.89
CA GLU A 4 34.44 10.90 18.48
C GLU A 4 34.48 11.03 16.95
N LYS A 5 33.35 10.79 16.31
CA LYS A 5 33.26 10.89 14.85
C LYS A 5 32.16 11.84 14.38
N THR A 6 32.20 12.16 13.09
CA THR A 6 31.22 13.05 12.48
C THR A 6 31.33 12.86 10.97
N VAL A 7 30.41 13.44 10.20
CA VAL A 7 30.43 13.30 8.75
C VAL A 7 31.42 14.24 8.04
N LYS A 8 32.01 13.75 6.94
CA LYS A 8 32.97 14.53 6.16
C LYS A 8 32.32 15.81 5.65
N GLU A 9 31.09 15.70 5.17
CA GLU A 9 30.34 16.84 4.65
C GLU A 9 28.84 16.57 4.69
N LYS A 10 28.04 17.59 4.37
CA LYS A 10 26.59 17.45 4.41
C LYS A 10 26.05 16.27 3.61
N LEU A 11 25.17 15.51 4.23
CA LEU A 11 24.54 14.35 3.60
C LEU A 11 23.03 14.56 3.71
N SER A 12 22.29 14.24 2.65
CA SER A 12 20.85 14.41 2.72
C SER A 12 20.07 13.20 2.22
N PHE A 13 18.87 13.03 2.78
CA PHE A 13 18.01 11.94 2.42
C PHE A 13 16.57 12.46 2.43
N GLU A 14 15.70 11.82 1.65
CA GLU A 14 14.32 12.23 1.59
C GLU A 14 13.39 11.11 1.19
N GLY A 15 12.13 11.26 1.58
CA GLY A 15 11.12 10.25 1.29
C GLY A 15 9.91 10.37 2.20
N VAL A 16 8.93 9.52 1.98
CA VAL A 16 7.71 9.55 2.76
C VAL A 16 7.96 9.06 4.17
N GLY A 17 7.21 9.62 5.13
CA GLY A 17 7.34 9.19 6.51
C GLY A 17 6.40 8.00 6.65
N ILE A 18 6.76 6.98 7.42
CA ILE A 18 5.89 5.81 7.51
C ILE A 18 4.55 6.08 8.20
N HIS A 19 4.56 6.91 9.22
CA HIS A 19 3.32 7.18 9.91
C HIS A 19 2.53 8.33 9.33
N THR A 20 3.15 9.50 9.25
CA THR A 20 2.45 10.68 8.73
C THR A 20 1.99 10.55 7.27
N GLY A 21 2.73 9.78 6.49
CA GLY A 21 2.38 9.61 5.09
C GLY A 21 2.79 10.85 4.31
N GLU A 22 3.46 11.75 5.01
CA GLU A 22 3.91 13.02 4.44
C GLU A 22 5.36 12.96 3.98
N TYR A 23 5.71 13.87 3.08
CA TYR A 23 7.07 13.94 2.57
C TYR A 23 7.90 14.71 3.57
N SER A 24 9.18 14.39 3.64
CA SER A 24 10.10 15.07 4.55
C SER A 24 11.48 14.90 3.99
N LYS A 25 12.40 15.76 4.41
CA LYS A 25 13.76 15.71 3.93
C LYS A 25 14.73 15.79 5.08
N LEU A 26 15.84 15.09 4.92
CA LEU A 26 16.88 15.09 5.92
C LEU A 26 18.11 15.75 5.36
N ILE A 27 18.90 16.35 6.25
CA ILE A 27 20.15 17.00 5.87
C ILE A 27 21.04 16.84 7.10
N ILE A 28 21.96 15.88 7.06
CA ILE A 28 22.85 15.67 8.19
C ILE A 28 24.01 16.63 8.12
N HIS A 29 24.10 17.49 9.12
CA HIS A 29 25.15 18.50 9.20
C HIS A 29 26.27 18.04 10.09
N PRO A 30 27.52 18.36 9.70
CA PRO A 30 28.71 17.98 10.49
C PRO A 30 28.79 18.93 11.67
N GLU A 31 29.29 18.46 12.81
CA GLU A 31 29.39 19.33 13.97
C GLU A 31 30.71 19.18 14.71
N LYS A 32 31.16 20.30 15.28
CA LYS A 32 32.40 20.35 16.04
C LYS A 32 32.40 19.24 17.09
N GLU A 33 33.58 18.95 17.64
CA GLU A 33 33.69 17.93 18.66
C GLU A 33 32.85 18.31 19.89
N GLY A 34 32.52 17.30 20.70
CA GLY A 34 31.74 17.54 21.91
C GLY A 34 30.32 18.03 21.69
N THR A 35 29.92 18.21 20.42
CA THR A 35 28.57 18.69 20.10
C THR A 35 27.47 17.70 20.48
N GLY A 36 27.53 16.48 19.93
CA GLY A 36 26.54 15.46 20.23
C GLY A 36 25.55 15.31 19.11
N ILE A 37 24.57 14.41 19.29
CA ILE A 37 23.56 14.21 18.27
C ILE A 37 22.34 15.01 18.68
N ARG A 38 21.87 15.85 17.77
CA ARG A 38 20.72 16.68 18.01
C ARG A 38 20.04 16.92 16.67
N PHE A 39 18.71 16.96 16.68
CA PHE A 39 17.96 17.21 15.47
C PHE A 39 17.70 18.72 15.38
N PHE A 40 17.34 19.20 14.20
CA PHE A 40 17.08 20.61 14.03
C PHE A 40 15.82 20.78 13.22
N LYS A 41 14.79 21.36 13.84
CA LYS A 41 13.50 21.58 13.19
C LYS A 41 12.94 22.95 13.51
N ASN A 42 12.56 23.68 12.46
CA ASN A 42 12.02 25.03 12.58
C ASN A 42 12.85 25.84 13.57
N GLY A 43 14.12 26.02 13.24
CA GLY A 43 15.00 26.79 14.09
C GLY A 43 15.02 26.38 15.55
N VAL A 44 14.71 25.11 15.82
CA VAL A 44 14.71 24.58 17.20
C VAL A 44 15.58 23.31 17.29
N TYR A 45 16.54 23.28 18.21
CA TYR A 45 17.42 22.11 18.35
C TYR A 45 16.88 21.12 19.35
N ILE A 46 16.67 19.88 18.90
CA ILE A 46 16.16 18.83 19.78
C ILE A 46 17.24 17.78 19.97
N PRO A 47 17.74 17.63 21.21
CA PRO A 47 18.78 16.66 21.54
C PRO A 47 18.30 15.21 21.50
N ALA A 48 19.12 14.32 20.93
CA ALA A 48 18.77 12.92 20.86
C ALA A 48 18.91 12.32 22.25
N ARG A 49 18.17 12.87 23.21
CA ARG A 49 18.22 12.38 24.58
C ARG A 49 16.82 12.10 25.12
N HIS A 50 16.72 11.04 25.90
CA HIS A 50 15.47 10.57 26.49
C HIS A 50 14.55 11.66 27.03
N GLU A 51 15.14 12.76 27.51
CA GLU A 51 14.33 13.83 28.06
C GLU A 51 13.33 14.38 27.06
N PHE A 52 13.66 14.31 25.77
CA PHE A 52 12.78 14.85 24.75
C PHE A 52 11.89 13.86 24.02
N VAL A 53 11.62 12.75 24.69
CA VAL A 53 10.77 11.72 24.12
C VAL A 53 9.32 12.05 24.44
N VAL A 54 8.49 12.17 23.40
CA VAL A 54 7.08 12.51 23.59
C VAL A 54 6.10 11.43 23.09
N HIS A 55 6.64 10.34 22.53
CA HIS A 55 5.79 9.27 22.03
C HIS A 55 6.60 8.00 21.77
N THR A 56 6.10 6.88 22.27
CA THR A 56 6.77 5.59 22.07
C THR A 56 5.81 4.51 21.63
N ASN A 57 4.78 4.88 20.87
CA ASN A 57 3.82 3.88 20.40
C ASN A 57 4.47 2.95 19.38
N HIS A 58 4.41 3.28 18.10
CA HIS A 58 5.04 2.40 17.14
C HIS A 58 6.15 3.12 16.43
N SER A 59 6.85 3.92 17.23
CA SER A 59 7.97 4.74 16.79
C SER A 59 8.38 5.56 18.01
N THR A 60 9.60 6.07 18.00
CA THR A 60 10.09 6.89 19.09
C THR A 60 10.12 8.33 18.61
N ASP A 61 9.23 9.16 19.14
CA ASP A 61 9.15 10.55 18.72
C ASP A 61 9.78 11.50 19.72
N LEU A 62 10.36 12.56 19.20
CA LEU A 62 11.00 13.56 20.05
C LEU A 62 10.41 14.92 19.77
N GLY A 63 10.54 15.80 20.76
CA GLY A 63 10.02 17.15 20.62
C GLY A 63 10.48 18.15 21.66
N PHE A 64 10.36 19.43 21.30
CA PHE A 64 10.73 20.51 22.19
C PHE A 64 10.13 21.81 21.68
N LYS A 65 9.67 22.63 22.61
CA LYS A 65 9.06 23.92 22.29
C LYS A 65 8.18 23.91 21.03
N GLY A 66 7.21 23.00 21.02
CA GLY A 66 6.29 22.92 19.90
C GLY A 66 6.80 22.33 18.60
N GLN A 67 7.94 21.66 18.62
CA GLN A 67 8.47 21.05 17.39
C GLN A 67 8.64 19.55 17.60
N ARG A 68 8.05 18.74 16.71
CA ARG A 68 8.11 17.30 16.87
C ARG A 68 8.68 16.56 15.66
N ILE A 69 9.42 15.49 15.94
CA ILE A 69 9.99 14.65 14.90
C ILE A 69 9.57 13.22 15.22
N LYS A 70 8.95 12.54 14.26
CA LYS A 70 8.50 11.18 14.46
C LYS A 70 9.45 10.19 13.86
N THR A 71 9.61 9.06 14.55
CA THR A 71 10.45 7.97 14.05
C THR A 71 11.94 8.31 13.91
N VAL A 72 12.62 8.43 15.03
CA VAL A 72 14.04 8.77 15.00
C VAL A 72 14.91 7.56 15.29
N GLU A 73 14.29 6.45 15.64
CA GLU A 73 15.03 5.24 15.99
C GLU A 73 15.98 4.74 14.94
N HIS A 74 15.53 4.57 13.71
CA HIS A 74 16.43 4.05 12.72
C HIS A 74 17.64 4.95 12.50
N ILE A 75 17.40 6.20 12.16
CA ILE A 75 18.49 7.14 11.93
C ILE A 75 19.46 7.12 13.13
N LEU A 76 18.92 7.15 14.34
CA LEU A 76 19.77 7.10 15.53
C LEU A 76 20.52 5.77 15.63
N SER A 77 19.80 4.68 15.44
CA SER A 77 20.43 3.37 15.55
C SER A 77 21.66 3.28 14.68
N VAL A 78 21.56 3.68 13.41
CA VAL A 78 22.72 3.63 12.53
C VAL A 78 23.82 4.52 13.11
N LEU A 79 23.51 5.78 13.35
CA LEU A 79 24.51 6.67 13.91
C LEU A 79 25.17 6.03 15.13
N HIS A 80 24.40 5.25 15.88
CA HIS A 80 24.92 4.57 17.08
C HIS A 80 25.84 3.39 16.68
N LEU A 81 25.46 2.68 15.64
CA LEU A 81 26.27 1.56 15.19
C LEU A 81 27.58 2.08 14.62
N LEU A 82 27.51 3.14 13.83
CA LEU A 82 28.71 3.74 13.23
C LEU A 82 29.48 4.60 14.22
N GLU A 83 28.98 4.72 15.43
CA GLU A 83 29.65 5.51 16.44
C GLU A 83 29.94 6.93 15.95
N ILE A 84 28.94 7.56 15.35
CA ILE A 84 29.03 8.94 14.88
C ILE A 84 28.48 9.69 16.09
N THR A 85 29.27 10.59 16.67
CA THR A 85 28.82 11.28 17.87
C THR A 85 28.39 12.73 17.75
N ASN A 86 28.99 13.48 16.86
CA ASN A 86 28.61 14.88 16.75
C ASN A 86 28.06 15.21 15.37
N VAL A 87 26.74 15.41 15.30
CA VAL A 87 26.09 15.77 14.05
C VAL A 87 24.79 16.46 14.39
N THR A 88 24.19 17.05 13.38
CA THR A 88 22.93 17.75 13.55
C THR A 88 22.03 17.22 12.45
N ILE A 89 20.88 16.67 12.83
CA ILE A 89 19.96 16.14 11.84
C ILE A 89 18.85 17.14 11.58
N GLU A 90 18.94 17.81 10.43
CA GLU A 90 17.95 18.80 10.06
C GLU A 90 16.78 18.05 9.46
N VAL A 91 15.60 18.36 9.96
CA VAL A 91 14.39 17.71 9.48
C VAL A 91 13.41 18.73 8.95
N ILE A 92 13.06 18.55 7.68
CA ILE A 92 12.11 19.43 7.06
C ILE A 92 10.84 18.59 6.94
N GLY A 93 10.07 18.61 8.03
CA GLY A 93 8.84 17.85 8.12
C GLY A 93 8.52 17.54 9.56
N ASN A 94 7.98 16.35 9.81
CA ASN A 94 7.60 15.94 11.16
C ASN A 94 8.01 14.51 11.50
N GLU A 95 8.83 13.91 10.65
CA GLU A 95 9.25 12.54 10.86
C GLU A 95 10.39 12.14 9.92
N ILE A 96 11.37 11.42 10.46
CA ILE A 96 12.51 10.95 9.67
C ILE A 96 11.94 10.03 8.60
N PRO A 97 12.39 10.17 7.35
CA PRO A 97 11.89 9.31 6.26
C PRO A 97 12.15 7.83 6.51
N ILE A 98 11.17 7.01 6.15
CA ILE A 98 11.22 5.58 6.36
C ILE A 98 12.09 4.83 5.37
N LEU A 99 12.25 5.40 4.18
CA LEU A 99 13.04 4.80 3.11
C LEU A 99 12.60 3.35 2.88
N ASP A 100 13.54 2.41 2.83
CA ASP A 100 13.13 1.02 2.57
C ASP A 100 12.66 0.24 3.79
N GLY A 101 12.55 0.94 4.92
CA GLY A 101 12.10 0.29 6.13
C GLY A 101 13.23 -0.25 7.02
N SER A 102 14.47 -0.09 6.57
CA SER A 102 15.62 -0.55 7.33
C SER A 102 16.60 0.61 7.50
N GLY A 103 17.77 0.33 8.03
CA GLY A 103 18.72 1.40 8.20
C GLY A 103 19.75 1.31 7.10
N TRP A 104 19.47 0.46 6.11
CA TRP A 104 20.39 0.26 5.02
C TRP A 104 20.88 1.51 4.30
N GLU A 105 19.95 2.30 3.80
CA GLU A 105 20.36 3.49 3.07
C GLU A 105 21.23 4.44 3.89
N PHE A 106 20.83 4.71 5.12
CA PHE A 106 21.63 5.61 5.94
C PHE A 106 23.02 5.02 6.11
N TYR A 107 23.09 3.80 6.63
CA TYR A 107 24.37 3.14 6.85
C TYR A 107 25.32 3.27 5.67
N GLU A 108 24.91 2.73 4.54
CA GLU A 108 25.70 2.75 3.33
C GLU A 108 26.24 4.15 2.99
N ALA A 109 25.44 5.18 3.23
CA ALA A 109 25.85 6.55 2.92
C ALA A 109 26.68 7.22 4.01
N ILE A 110 26.34 6.98 5.27
CA ILE A 110 27.07 7.59 6.39
C ILE A 110 28.48 6.96 6.50
N ARG A 111 28.54 5.64 6.35
CA ARG A 111 29.80 4.90 6.43
C ARG A 111 30.91 5.52 5.59
N LYS A 112 30.57 5.93 4.37
CA LYS A 112 31.54 6.54 3.47
C LYS A 112 32.16 7.76 4.15
N ASN A 113 31.31 8.74 4.40
CA ASN A 113 31.73 10.00 4.99
C ASN A 113 31.94 10.10 6.49
N ILE A 114 32.74 9.19 7.05
CA ILE A 114 33.05 9.26 8.47
C ILE A 114 34.32 10.12 8.59
N LEU A 115 34.38 10.95 9.63
CA LEU A 115 35.54 11.81 9.81
C LEU A 115 36.02 11.72 11.24
N ASN A 116 37.19 11.09 11.42
CA ASN A 116 37.77 10.94 12.74
C ASN A 116 38.09 12.28 13.36
N GLN A 117 38.10 12.30 14.70
CA GLN A 117 38.38 13.51 15.44
C GLN A 117 39.27 13.23 16.64
N ASN A 118 40.00 14.25 17.08
CA ASN A 118 40.92 14.13 18.20
C ASN A 118 40.20 14.29 19.54
N ARG A 119 39.50 13.24 19.96
CA ARG A 119 38.77 13.28 21.24
C ARG A 119 38.18 11.89 21.52
N GLU A 120 38.70 11.24 22.55
CA GLU A 120 38.26 9.90 22.92
C GLU A 120 36.82 9.90 23.40
N ILE A 121 35.97 9.13 22.73
CA ILE A 121 34.57 9.02 23.08
C ILE A 121 34.41 8.63 24.54
N ASP A 122 33.51 9.33 25.23
CA ASP A 122 33.24 9.05 26.63
C ASP A 122 32.00 8.18 26.63
N TYR A 123 32.18 6.88 26.43
CA TYR A 123 31.05 5.96 26.39
C TYR A 123 30.17 5.96 27.65
N PHE A 124 28.93 5.50 27.48
CA PHE A 124 28.00 5.40 28.59
C PHE A 124 28.07 3.96 29.05
N VAL A 125 28.73 3.73 30.17
CA VAL A 125 28.88 2.37 30.67
C VAL A 125 27.80 1.89 31.64
N VAL A 126 27.29 0.70 31.41
CA VAL A 126 26.29 0.12 32.29
C VAL A 126 27.16 -0.41 33.41
N GLU A 127 27.01 0.16 34.59
CA GLU A 127 27.82 -0.20 35.74
C GLU A 127 27.35 -1.42 36.53
N GLU A 128 26.04 -1.69 36.53
CA GLU A 128 25.52 -2.86 37.23
C GLU A 128 24.10 -3.28 36.83
N PRO A 129 23.80 -4.59 36.93
CA PRO A 129 22.52 -5.20 36.58
C PRO A 129 21.29 -4.33 36.79
N ILE A 130 20.30 -4.54 35.94
CA ILE A 130 19.03 -3.82 36.02
C ILE A 130 17.99 -4.51 35.16
N ILE A 131 16.74 -4.47 35.61
CA ILE A 131 15.65 -5.12 34.89
C ILE A 131 14.41 -4.24 34.88
N VAL A 132 13.61 -4.39 33.84
CA VAL A 132 12.38 -3.63 33.72
C VAL A 132 11.33 -4.52 33.09
N GLU A 133 10.13 -4.52 33.67
CA GLU A 133 9.03 -5.34 33.17
C GLU A 133 7.89 -4.45 32.70
N ASP A 134 6.83 -5.07 32.20
CA ASP A 134 5.67 -4.35 31.72
C ASP A 134 4.76 -5.37 31.05
N GLU A 135 4.17 -6.23 31.86
CA GLU A 135 3.27 -7.28 31.40
C GLU A 135 3.90 -8.22 30.38
N GLY A 136 4.52 -9.28 30.88
CA GLY A 136 5.14 -10.25 29.99
C GLY A 136 6.42 -9.72 29.39
N ARG A 137 6.38 -8.47 28.92
CA ARG A 137 7.52 -7.81 28.30
C ARG A 137 8.58 -7.51 29.36
N LEU A 138 9.84 -7.84 29.05
CA LEU A 138 10.94 -7.59 29.98
C LEU A 138 12.26 -7.33 29.28
N ILE A 139 13.06 -6.44 29.87
CA ILE A 139 14.39 -6.13 29.34
C ILE A 139 15.35 -6.22 30.51
N LYS A 140 16.49 -6.87 30.27
CA LYS A 140 17.53 -7.06 31.27
C LYS A 140 18.82 -6.45 30.73
N ALA A 141 19.47 -5.62 31.53
CA ALA A 141 20.72 -5.00 31.09
C ALA A 141 21.77 -5.11 32.17
N GLU A 142 22.92 -5.69 31.80
CA GLU A 142 24.03 -5.83 32.73
C GLU A 142 25.29 -5.23 32.10
N PRO A 143 26.38 -5.13 32.87
CA PRO A 143 27.66 -4.57 32.42
C PRO A 143 28.40 -5.38 31.38
N SER A 144 29.05 -4.70 30.44
CA SER A 144 29.80 -5.39 29.40
C SER A 144 30.85 -4.54 28.70
N ASP A 145 32.00 -5.16 28.47
CA ASP A 145 33.14 -4.54 27.82
C ASP A 145 32.76 -4.01 26.44
N THR A 146 31.81 -4.68 25.81
CA THR A 146 31.35 -4.32 24.47
C THR A 146 29.85 -4.08 24.43
N LEU A 147 29.34 -3.81 23.23
CA LEU A 147 27.90 -3.62 23.07
C LEU A 147 27.36 -4.94 22.57
N GLU A 148 26.42 -5.50 23.32
CA GLU A 148 25.84 -6.78 22.99
C GLU A 148 24.37 -6.76 23.30
N VAL A 149 23.56 -6.97 22.29
CA VAL A 149 22.12 -6.92 22.46
C VAL A 149 21.41 -8.12 21.84
N THR A 150 20.53 -8.73 22.64
CA THR A 150 19.75 -9.87 22.18
C THR A 150 18.27 -9.59 22.32
N TYR A 151 17.49 -10.01 21.33
CA TYR A 151 16.05 -9.82 21.36
C TYR A 151 15.42 -11.18 21.13
N GLU A 152 14.46 -11.55 21.95
CA GLU A 152 13.78 -12.83 21.78
C GLU A 152 12.29 -12.58 21.57
N GLY A 153 11.73 -13.20 20.55
CA GLY A 153 10.33 -13.02 20.27
C GLY A 153 9.49 -14.27 20.55
N GLU A 154 8.22 -14.04 20.83
CA GLU A 154 7.26 -15.11 21.11
C GLU A 154 6.09 -14.79 20.19
N PHE A 155 6.39 -14.78 18.88
CA PHE A 155 5.40 -14.47 17.85
C PHE A 155 4.22 -15.41 17.76
N LYS A 156 3.03 -14.81 17.70
CA LYS A 156 1.79 -15.55 17.61
C LYS A 156 1.60 -16.27 16.30
N ASN A 157 2.28 -15.82 15.25
CA ASN A 157 2.13 -16.45 13.95
C ASN A 157 3.22 -17.50 13.70
N PHE A 158 3.32 -17.94 12.46
CA PHE A 158 4.29 -18.97 12.06
C PHE A 158 5.73 -18.74 12.52
N LEU A 159 6.09 -17.51 12.88
CA LEU A 159 7.46 -17.25 13.32
C LEU A 159 7.79 -18.07 14.57
N GLY A 160 6.89 -18.05 15.55
CA GLY A 160 7.13 -18.81 16.75
C GLY A 160 8.09 -18.10 17.69
N ARG A 161 8.97 -18.88 18.32
CA ARG A 161 9.97 -18.34 19.26
C ARG A 161 11.37 -18.32 18.67
N GLN A 162 11.85 -17.13 18.32
CA GLN A 162 13.19 -17.02 17.80
C GLN A 162 13.86 -15.82 18.42
N LYS A 163 15.19 -15.81 18.43
CA LYS A 163 15.90 -14.70 18.99
C LYS A 163 17.20 -14.49 18.23
N PHE A 164 17.70 -13.26 18.26
CA PHE A 164 18.93 -12.89 17.58
C PHE A 164 19.84 -12.12 18.55
N THR A 165 21.14 -12.15 18.29
CA THR A 165 22.07 -11.45 19.16
C THR A 165 23.10 -10.65 18.38
N PHE A 166 23.18 -9.35 18.68
CA PHE A 166 24.14 -8.46 18.04
C PHE A 166 25.37 -8.21 18.92
N VAL A 167 26.54 -8.24 18.30
CA VAL A 167 27.81 -7.98 18.97
C VAL A 167 28.60 -7.04 18.05
N GLU A 168 29.45 -6.19 18.64
CA GLU A 168 30.26 -5.26 17.85
C GLU A 168 30.96 -5.99 16.71
N GLY A 169 30.88 -5.41 15.52
CA GLY A 169 31.52 -6.00 14.37
C GLY A 169 30.53 -6.74 13.50
N ASN A 170 29.27 -6.71 13.93
CA ASN A 170 28.17 -7.37 13.24
C ASN A 170 27.08 -6.39 12.81
N GLU A 171 27.46 -5.16 12.47
CA GLU A 171 26.48 -4.16 12.07
C GLU A 171 25.75 -4.57 10.80
N GLU A 172 26.49 -4.98 9.78
CA GLU A 172 25.87 -5.36 8.53
C GLU A 172 24.85 -6.47 8.65
N GLU A 173 24.73 -7.02 9.85
CA GLU A 173 23.78 -8.09 10.05
C GLU A 173 22.40 -7.61 10.47
N ILE A 174 22.30 -6.34 10.83
CA ILE A 174 21.02 -5.79 11.28
C ILE A 174 20.63 -4.46 10.63
N VAL A 175 21.56 -3.83 9.92
CA VAL A 175 21.22 -2.55 9.29
C VAL A 175 20.37 -2.80 8.05
N LEU A 176 20.14 -4.06 7.73
CA LEU A 176 19.33 -4.42 6.57
C LEU A 176 17.95 -4.95 6.89
N ALA A 177 17.68 -5.22 8.17
CA ALA A 177 16.38 -5.74 8.56
C ALA A 177 15.32 -4.64 8.48
N ARG A 178 14.22 -4.96 7.81
CA ARG A 178 13.14 -4.00 7.63
C ARG A 178 12.15 -3.96 8.80
N THR A 179 11.22 -3.03 8.72
CA THR A 179 10.20 -2.88 9.73
C THR A 179 9.09 -3.87 9.38
N PHE A 180 8.43 -4.42 10.40
CA PHE A 180 7.38 -5.40 10.16
C PHE A 180 6.10 -5.13 10.95
N ALA A 181 5.02 -5.73 10.47
CA ALA A 181 3.72 -5.59 11.10
C ALA A 181 2.91 -6.80 10.67
N PHE A 182 2.05 -7.31 11.54
CA PHE A 182 1.22 -8.46 11.18
C PHE A 182 -0.06 -7.95 10.53
N ASP A 183 -0.78 -8.78 9.80
CA ASP A 183 -2.00 -8.27 9.19
C ASP A 183 -2.97 -7.82 10.29
N TRP A 184 -3.04 -8.59 11.38
CA TRP A 184 -3.94 -8.30 12.49
C TRP A 184 -3.46 -7.13 13.38
N GLU A 185 -4.02 -6.04 12.86
N GLU A 185 -2.60 -6.52 12.54
CA GLU A 185 -4.05 -4.64 13.39
CA GLU A 185 -1.76 -5.39 12.86
C GLU A 185 -3.50 -3.53 12.47
C GLU A 185 -1.81 -4.30 11.79
N ILE A 186 -2.97 -3.89 11.29
CA ILE A 186 -2.77 -2.84 10.30
C ILE A 186 -4.00 -1.96 10.47
N GLU A 187 -5.16 -2.58 10.61
CA GLU A 187 -6.40 -1.84 10.82
C GLU A 187 -6.19 -0.92 12.01
N HIS A 188 -5.96 -1.51 13.19
CA HIS A 188 -5.72 -0.73 14.41
C HIS A 188 -4.79 0.47 14.18
N ILE A 189 -3.61 0.20 13.63
CA ILE A 189 -2.62 1.25 13.37
C ILE A 189 -3.15 2.39 12.54
N LYS A 190 -3.86 2.08 11.47
CA LYS A 190 -4.41 3.11 10.59
C LYS A 190 -5.51 3.90 11.30
N LYS A 191 -6.22 3.21 12.18
CA LYS A 191 -7.34 3.80 12.91
C LYS A 191 -6.91 4.78 13.99
N VAL A 192 -5.77 4.53 14.63
CA VAL A 192 -5.29 5.43 15.66
C VAL A 192 -4.41 6.49 15.01
N GLY A 193 -4.66 6.72 13.71
CA GLY A 193 -3.94 7.72 12.94
C GLY A 193 -2.45 7.55 12.75
N LEU A 194 -2.05 6.39 12.23
CA LEU A 194 -0.64 6.09 11.99
C LEU A 194 -0.45 5.22 10.75
N GLY A 195 0.81 5.08 10.33
CA GLY A 195 1.11 4.25 9.18
C GLY A 195 0.56 4.77 7.86
N LYS A 196 0.26 6.07 7.82
CA LYS A 196 -0.27 6.69 6.61
C LYS A 196 0.69 6.49 5.43
N GLY A 197 1.99 6.31 5.74
CA GLY A 197 2.98 6.11 4.70
C GLY A 197 3.31 4.66 4.40
N GLY A 198 2.85 3.74 5.26
CA GLY A 198 3.14 2.33 5.08
C GLY A 198 2.73 1.71 3.75
N SER A 199 3.52 0.73 3.31
CA SER A 199 3.25 0.00 2.07
C SER A 199 4.16 -1.21 2.06
N LEU A 200 3.91 -2.13 1.14
CA LEU A 200 4.76 -3.31 1.06
C LEU A 200 6.15 -2.94 0.56
N LYS A 201 6.33 -1.71 0.11
CA LYS A 201 7.64 -1.30 -0.37
C LYS A 201 8.51 -0.77 0.77
N ASN A 202 7.86 -0.32 1.84
CA ASN A 202 8.57 0.23 3.00
C ASN A 202 8.38 -0.61 4.25
N THR A 203 7.34 -1.45 4.26
CA THR A 203 7.04 -2.30 5.40
C THR A 203 6.89 -3.76 5.03
N LEU A 204 7.27 -4.63 5.93
CA LEU A 204 7.18 -6.05 5.67
C LEU A 204 6.01 -6.58 6.46
N VAL A 205 4.93 -6.91 5.75
CA VAL A 205 3.69 -7.41 6.34
C VAL A 205 3.61 -8.92 6.48
N LEU A 206 3.37 -9.38 7.69
CA LEU A 206 3.29 -10.81 7.97
C LEU A 206 1.87 -11.25 8.26
N GLY A 207 1.50 -12.40 7.71
CA GLY A 207 0.17 -12.93 7.94
C GLY A 207 0.21 -13.91 9.09
N LYS A 208 -0.93 -14.53 9.38
CA LYS A 208 -1.00 -15.49 10.48
C LYS A 208 -0.04 -16.65 10.19
N ASP A 209 0.30 -16.81 8.92
CA ASP A 209 1.19 -17.89 8.52
C ASP A 209 1.54 -17.75 7.04
N LYS A 210 1.91 -16.52 6.66
CA LYS A 210 2.27 -16.20 5.29
C LYS A 210 2.98 -14.85 5.29
N VAL A 211 3.60 -14.51 4.19
CA VAL A 211 4.31 -13.24 4.05
C VAL A 211 3.73 -12.55 2.84
N TYR A 212 3.00 -11.46 3.06
CA TYR A 212 2.37 -10.72 1.97
C TYR A 212 3.37 -10.20 0.94
N ASN A 213 4.39 -9.50 1.42
CA ASN A 213 5.40 -8.96 0.51
C ASN A 213 5.80 -10.07 -0.47
N PRO A 214 5.85 -9.77 -1.76
CA PRO A 214 6.23 -10.80 -2.73
C PRO A 214 7.72 -11.06 -2.67
N GLU A 215 8.46 -10.10 -2.14
CA GLU A 215 9.91 -10.18 -2.01
C GLU A 215 10.37 -11.12 -0.88
N GLY A 216 9.43 -11.76 -0.19
CA GLY A 216 9.78 -12.65 0.89
C GLY A 216 10.60 -11.99 1.99
N LEU A 217 11.02 -12.80 2.95
CA LEU A 217 11.83 -12.32 4.06
C LEU A 217 13.29 -12.32 3.65
N ARG A 218 14.04 -11.30 4.07
CA ARG A 218 15.47 -11.22 3.76
C ARG A 218 16.17 -12.29 4.62
N TYR A 219 15.85 -12.30 5.91
CA TYR A 219 16.41 -13.27 6.82
C TYR A 219 15.25 -14.01 7.45
N GLU A 220 15.47 -15.30 7.73
CA GLU A 220 14.46 -16.13 8.34
C GLU A 220 13.85 -15.39 9.51
N ASN A 221 14.71 -14.69 10.26
CA ASN A 221 14.30 -13.96 11.45
C ASN A 221 14.37 -12.45 11.31
N GLU A 222 14.18 -11.95 10.10
CA GLU A 222 14.24 -10.50 9.86
C GLU A 222 13.57 -9.68 10.95
N PRO A 223 12.33 -10.05 11.36
CA PRO A 223 11.64 -9.30 12.40
C PRO A 223 12.46 -9.11 13.70
N VAL A 224 12.90 -10.23 14.26
CA VAL A 224 13.67 -10.14 15.49
C VAL A 224 14.87 -9.24 15.30
N ARG A 225 15.51 -9.33 14.14
CA ARG A 225 16.68 -8.49 13.90
C ARG A 225 16.29 -7.03 13.99
N HIS A 226 15.29 -6.62 13.23
CA HIS A 226 14.86 -5.23 13.28
C HIS A 226 14.63 -4.80 14.71
N LYS A 227 13.95 -5.62 15.50
CA LYS A 227 13.70 -5.26 16.88
C LYS A 227 15.01 -4.93 17.61
N VAL A 228 16.08 -5.63 17.25
CA VAL A 228 17.39 -5.37 17.86
C VAL A 228 17.93 -4.03 17.35
N PHE A 229 17.75 -3.80 16.06
CA PHE A 229 18.14 -2.54 15.44
C PHE A 229 17.43 -1.43 16.24
N ASP A 230 16.10 -1.51 16.34
CA ASP A 230 15.28 -0.53 17.07
C ASP A 230 15.91 -0.23 18.44
N LEU A 231 16.03 -1.27 19.26
CA LEU A 231 16.57 -1.12 20.61
C LEU A 231 17.88 -0.36 20.61
N ILE A 232 18.79 -0.73 19.72
CA ILE A 232 20.07 -0.04 19.66
C ILE A 232 19.85 1.45 19.46
N GLY A 233 19.14 1.82 18.40
CA GLY A 233 18.87 3.22 18.16
C GLY A 233 18.22 3.90 19.36
N ASP A 234 17.28 3.22 20.00
CA ASP A 234 16.62 3.76 21.18
C ASP A 234 17.68 4.04 22.26
N LEU A 235 18.52 3.04 22.51
CA LEU A 235 19.56 3.14 23.52
C LEU A 235 20.46 4.34 23.32
N TYR A 236 20.61 4.79 22.08
CA TYR A 236 21.46 5.94 21.83
C TYR A 236 20.88 7.21 22.46
N LEU A 237 19.71 7.10 23.09
CA LEU A 237 19.11 8.26 23.72
C LEU A 237 19.71 8.51 25.08
N LEU A 238 20.74 7.73 25.42
CA LEU A 238 21.41 7.94 26.69
C LEU A 238 22.38 9.12 26.54
N GLY A 239 22.55 9.57 25.30
CA GLY A 239 23.43 10.70 25.05
C GLY A 239 24.85 10.38 24.62
N SER A 240 25.12 9.11 24.31
CA SER A 240 26.44 8.70 23.88
C SER A 240 26.49 7.20 23.64
N PRO A 241 27.39 6.75 22.75
CA PRO A 241 27.49 5.32 22.46
C PRO A 241 27.39 4.53 23.76
N VAL A 242 26.76 3.37 23.70
CA VAL A 242 26.60 2.56 24.89
C VAL A 242 27.48 1.33 24.93
N LYS A 243 27.73 0.85 26.14
CA LYS A 243 28.54 -0.35 26.37
C LYS A 243 27.88 -1.16 27.49
N GLY A 244 27.15 -2.20 27.09
CA GLY A 244 26.47 -3.06 28.03
C GLY A 244 25.97 -4.32 27.34
N LYS A 245 25.38 -5.22 28.12
CA LYS A 245 24.83 -6.49 27.62
C LYS A 245 23.33 -6.45 27.86
N PHE A 246 22.55 -6.32 26.78
CA PHE A 246 21.11 -6.26 26.93
C PHE A 246 20.30 -7.47 26.43
N TYR A 247 19.30 -7.84 27.22
CA TYR A 247 18.41 -8.94 26.89
C TYR A 247 16.99 -8.37 26.84
N SER A 248 16.33 -8.47 25.69
CA SER A 248 14.98 -7.95 25.58
C SER A 248 14.08 -9.06 25.13
N PHE A 249 13.05 -9.35 25.91
CA PHE A 249 12.09 -10.40 25.56
C PHE A 249 10.75 -9.75 25.28
N ARG A 250 10.36 -9.73 24.01
CA ARG A 250 9.10 -9.12 23.61
C ARG A 250 9.13 -7.62 23.94
N GLY A 251 10.22 -6.97 23.55
CA GLY A 251 10.36 -5.56 23.83
C GLY A 251 9.70 -4.67 22.81
N GLY A 252 9.78 -3.36 23.07
CA GLY A 252 9.18 -2.38 22.20
C GLY A 252 9.58 -0.98 22.67
N HIS A 253 9.74 -0.07 21.73
CA HIS A 253 10.15 1.30 22.03
C HIS A 253 9.71 1.77 23.40
N SER A 254 8.43 1.56 23.70
CA SER A 254 7.87 1.97 24.99
C SER A 254 8.69 1.48 26.16
N LEU A 255 8.89 0.17 26.25
CA LEU A 255 9.68 -0.42 27.32
C LEU A 255 11.13 0.04 27.17
N ASN A 256 11.63 0.02 25.94
CA ASN A 256 12.99 0.46 25.62
C ASN A 256 13.29 1.77 26.32
N VAL A 257 12.50 2.79 26.03
CA VAL A 257 12.69 4.09 26.64
C VAL A 257 12.63 3.98 28.16
N LYS A 258 11.62 3.26 28.66
CA LYS A 258 11.44 3.08 30.10
C LYS A 258 12.75 2.65 30.73
N LEU A 259 13.39 1.66 30.15
CA LEU A 259 14.67 1.18 30.64
C LEU A 259 15.61 2.37 30.63
N VAL A 260 15.93 2.85 29.44
CA VAL A 260 16.82 3.99 29.31
C VAL A 260 16.61 5.02 30.42
N LYS A 261 15.37 5.45 30.63
CA LYS A 261 15.11 6.45 31.66
C LYS A 261 15.47 5.95 33.05
N GLU A 262 15.04 4.74 33.39
CA GLU A 262 15.33 4.16 34.70
C GLU A 262 16.77 3.68 34.78
N LEU A 263 17.53 3.90 33.71
CA LEU A 263 18.91 3.47 33.67
C LEU A 263 19.83 4.68 33.79
N ALA A 264 19.30 5.84 33.46
CA ALA A 264 20.06 7.08 33.55
C ALA A 264 19.69 7.77 34.85
N LYS A 265 18.51 7.44 35.37
CA LYS A 265 18.03 8.02 36.61
C LYS A 265 18.97 7.57 37.72
N LYS A 266 19.88 6.68 37.38
CA LYS A 266 20.85 6.18 38.33
C LYS A 266 22.14 6.95 38.10
N GLN A 267 21.95 8.22 37.71
CA GLN A 267 23.02 9.20 37.43
C GLN A 267 24.20 8.63 36.66
N LYS A 268 24.08 7.36 36.24
CA LYS A 268 25.14 6.67 35.51
C LYS A 268 25.60 7.42 34.25
N GLY B 2 -32.90 5.37 -27.33
CA GLY B 2 -32.03 6.57 -27.19
C GLY B 2 -31.17 6.80 -28.42
N LEU B 3 -30.61 8.00 -28.52
CA LEU B 3 -29.76 8.35 -29.65
C LEU B 3 -28.31 8.05 -29.30
N GLU B 4 -27.50 7.78 -30.33
CA GLU B 4 -26.09 7.52 -30.11
C GLU B 4 -25.48 8.76 -29.47
N LYS B 5 -24.53 8.58 -28.56
CA LYS B 5 -23.90 9.71 -27.89
C LYS B 5 -22.37 9.68 -28.01
N THR B 6 -21.75 10.79 -27.64
CA THR B 6 -20.30 10.93 -27.68
C THR B 6 -19.93 12.15 -26.82
N VAL B 7 -18.65 12.34 -26.56
CA VAL B 7 -18.21 13.46 -25.73
C VAL B 7 -18.17 14.81 -26.47
N LYS B 8 -18.46 15.89 -25.74
CA LYS B 8 -18.46 17.23 -26.32
C LYS B 8 -17.08 17.57 -26.84
N GLU B 9 -16.06 17.23 -26.07
CA GLU B 9 -14.67 17.48 -26.44
C GLU B 9 -13.72 16.51 -25.73
N LYS B 10 -12.43 16.57 -26.07
CA LYS B 10 -11.45 15.68 -25.47
C LYS B 10 -11.42 15.73 -23.96
N LEU B 11 -11.43 14.56 -23.34
CA LEU B 11 -11.39 14.42 -21.88
C LEU B 11 -10.18 13.54 -21.55
N SER B 12 -9.45 13.89 -20.52
CA SER B 12 -8.30 13.07 -20.17
C SER B 12 -8.22 12.72 -18.68
N PHE B 13 -7.63 11.56 -18.40
CA PHE B 13 -7.47 11.07 -17.04
C PHE B 13 -6.14 10.36 -16.95
N GLU B 14 -5.56 10.36 -15.76
CA GLU B 14 -4.28 9.72 -15.56
C GLU B 14 -4.08 9.21 -14.14
N GLY B 15 -3.21 8.22 -14.00
CA GLY B 15 -2.93 7.64 -12.70
C GLY B 15 -2.28 6.28 -12.83
N VAL B 16 -1.95 5.68 -11.69
CA VAL B 16 -1.31 4.37 -11.67
C VAL B 16 -2.28 3.28 -12.10
N GLY B 17 -1.77 2.26 -12.76
CA GLY B 17 -2.59 1.12 -13.16
C GLY B 17 -2.60 0.19 -11.96
N ILE B 18 -3.74 -0.42 -11.64
CA ILE B 18 -3.78 -1.28 -10.45
C ILE B 18 -2.88 -2.52 -10.51
N HIS B 19 -2.79 -3.14 -11.68
CA HIS B 19 -1.97 -4.33 -11.81
C HIS B 19 -0.53 -4.05 -12.17
N THR B 20 -0.31 -3.34 -13.26
CA THR B 20 1.06 -3.05 -13.68
C THR B 20 1.84 -2.19 -12.69
N GLY B 21 1.16 -1.34 -11.94
CA GLY B 21 1.84 -0.48 -10.99
C GLY B 21 2.53 0.66 -11.73
N GLU B 22 2.29 0.71 -13.04
CA GLU B 22 2.87 1.73 -13.90
C GLU B 22 1.92 2.90 -14.15
N TYR B 23 2.50 4.03 -14.54
CA TYR B 23 1.71 5.22 -14.82
C TYR B 23 1.17 5.09 -16.24
N SER B 24 0.00 5.67 -16.47
CA SER B 24 -0.62 5.65 -17.78
C SER B 24 -1.54 6.85 -17.87
N LYS B 25 -1.90 7.22 -19.08
CA LYS B 25 -2.76 8.37 -19.27
C LYS B 25 -3.85 8.03 -20.26
N LEU B 26 -5.01 8.63 -20.05
CA LEU B 26 -6.15 8.42 -20.91
C LEU B 26 -6.48 9.71 -21.59
N ILE B 27 -7.03 9.61 -22.79
CA ILE B 27 -7.46 10.77 -23.55
C ILE B 27 -8.66 10.28 -24.36
N ILE B 28 -9.87 10.60 -23.90
CA ILE B 28 -11.05 10.16 -24.61
C ILE B 28 -11.35 11.12 -25.76
N HIS B 29 -11.30 10.58 -26.97
CA HIS B 29 -11.53 11.36 -28.18
C HIS B 29 -12.96 11.19 -28.68
N PRO B 30 -13.57 12.28 -29.15
CA PRO B 30 -14.95 12.24 -29.67
C PRO B 30 -14.89 11.58 -31.03
N GLU B 31 -15.95 10.88 -31.41
CA GLU B 31 -15.95 10.22 -32.71
C GLU B 31 -17.28 10.35 -33.45
N LYS B 32 -17.20 10.43 -34.78
CA LYS B 32 -18.36 10.55 -35.63
C LYS B 32 -19.37 9.46 -35.29
N GLU B 33 -20.60 9.63 -35.75
CA GLU B 33 -21.63 8.64 -35.48
C GLU B 33 -21.24 7.28 -36.08
N GLY B 34 -21.87 6.21 -35.59
CA GLY B 34 -21.58 4.88 -36.09
C GLY B 34 -20.17 4.36 -35.87
N THR B 35 -19.33 5.18 -35.24
CA THR B 35 -17.94 4.78 -34.97
C THR B 35 -17.83 3.61 -33.99
N GLY B 36 -18.35 3.80 -32.78
CA GLY B 36 -18.30 2.75 -31.78
C GLY B 36 -17.24 3.03 -30.73
N ILE B 37 -17.08 2.12 -29.77
CA ILE B 37 -16.05 2.28 -28.75
C ILE B 37 -14.84 1.45 -29.15
N ARG B 38 -13.70 2.11 -29.19
CA ARG B 38 -12.47 1.45 -29.55
C ARG B 38 -11.35 2.19 -28.83
N PHE B 39 -10.34 1.44 -28.41
CA PHE B 39 -9.20 2.03 -27.74
C PHE B 39 -8.13 2.31 -28.80
N PHE B 40 -7.17 3.15 -28.45
CA PHE B 40 -6.11 3.48 -29.38
C PHE B 40 -4.78 3.45 -28.64
N LYS B 41 -3.92 2.51 -29.03
CA LYS B 41 -2.61 2.34 -28.43
C LYS B 41 -1.54 2.09 -29.46
N ASN B 42 -0.48 2.90 -29.40
CA ASN B 42 0.64 2.80 -30.35
C ASN B 42 0.15 2.69 -31.77
N GLY B 43 -0.60 3.71 -32.21
CA GLY B 43 -1.12 3.73 -33.55
C GLY B 43 -1.88 2.49 -33.96
N VAL B 44 -2.48 1.80 -32.99
CA VAL B 44 -3.26 0.58 -33.24
C VAL B 44 -4.65 0.71 -32.60
N TYR B 45 -5.72 0.53 -33.37
CA TYR B 45 -7.08 0.64 -32.84
C TYR B 45 -7.62 -0.69 -32.36
N ILE B 46 -7.99 -0.76 -31.09
CA ILE B 46 -8.53 -1.99 -30.52
C ILE B 46 -10.00 -1.78 -30.17
N PRO B 47 -10.89 -2.51 -30.84
CA PRO B 47 -12.33 -2.42 -30.62
C PRO B 47 -12.77 -3.01 -29.26
N ALA B 48 -13.65 -2.29 -28.58
CA ALA B 48 -14.18 -2.77 -27.31
C ALA B 48 -15.15 -3.94 -27.58
N ARG B 49 -14.63 -4.99 -28.22
CA ARG B 49 -15.44 -6.16 -28.55
C ARG B 49 -14.75 -7.44 -28.08
N HIS B 50 -15.58 -8.36 -27.59
CA HIS B 50 -15.11 -9.64 -27.08
C HIS B 50 -14.01 -10.33 -27.89
N GLU B 51 -14.01 -10.10 -29.20
CA GLU B 51 -13.01 -10.74 -30.04
C GLU B 51 -11.59 -10.39 -29.61
N PHE B 52 -11.41 -9.22 -29.02
CA PHE B 52 -10.08 -8.77 -28.63
C PHE B 52 -9.73 -8.93 -27.17
N VAL B 53 -10.39 -9.89 -26.52
CA VAL B 53 -10.12 -10.17 -25.12
C VAL B 53 -8.97 -11.18 -25.03
N VAL B 54 -7.91 -10.81 -24.32
CA VAL B 54 -6.74 -11.68 -24.17
C VAL B 54 -6.46 -12.11 -22.74
N HIS B 55 -7.25 -11.61 -21.79
CA HIS B 55 -7.06 -11.96 -20.38
C HIS B 55 -8.27 -11.60 -19.54
N THR B 56 -8.71 -12.53 -18.72
CA THR B 56 -9.86 -12.30 -17.84
C THR B 56 -9.59 -12.75 -16.42
N ASN B 57 -8.34 -12.67 -15.97
CA ASN B 57 -8.02 -13.07 -14.60
C ASN B 57 -8.66 -12.13 -13.60
N HIS B 58 -7.96 -11.07 -13.21
CA HIS B 58 -8.57 -10.17 -12.24
C HIS B 58 -8.73 -8.81 -12.86
N SER B 59 -9.10 -8.85 -14.14
CA SER B 59 -9.30 -7.67 -14.96
C SER B 59 -9.58 -8.20 -16.36
N THR B 60 -10.21 -7.37 -17.20
CA THR B 60 -10.51 -7.76 -18.57
C THR B 60 -9.56 -7.03 -19.48
N ASP B 61 -8.61 -7.75 -20.07
CA ASP B 61 -7.60 -7.14 -20.95
C ASP B 61 -7.89 -7.35 -22.42
N LEU B 62 -7.55 -6.34 -23.22
CA LEU B 62 -7.77 -6.39 -24.65
C LEU B 62 -6.47 -6.20 -25.37
N GLY B 63 -6.41 -6.71 -26.60
CA GLY B 63 -5.20 -6.56 -27.39
C GLY B 63 -5.35 -6.87 -28.87
N PHE B 64 -4.41 -6.35 -29.65
CA PHE B 64 -4.41 -6.56 -31.09
C PHE B 64 -3.05 -6.20 -31.65
N LYS B 65 -2.59 -7.01 -32.61
CA LYS B 65 -1.31 -6.79 -33.26
C LYS B 65 -0.21 -6.32 -32.30
N GLY B 66 0.02 -7.07 -31.23
CA GLY B 66 1.06 -6.71 -30.29
C GLY B 66 0.85 -5.54 -29.35
N GLN B 67 -0.39 -5.04 -29.25
CA GLN B 67 -0.69 -3.92 -28.34
C GLN B 67 -1.75 -4.36 -27.31
N ARG B 68 -1.44 -4.23 -26.03
CA ARG B 68 -2.37 -4.65 -24.99
C ARG B 68 -2.76 -3.54 -24.01
N ILE B 69 -4.00 -3.61 -23.54
CA ILE B 69 -4.51 -2.66 -22.57
C ILE B 69 -5.11 -3.49 -21.46
N LYS B 70 -4.70 -3.24 -20.23
CA LYS B 70 -5.21 -3.99 -19.09
C LYS B 70 -6.27 -3.21 -18.35
N THR B 71 -7.28 -3.94 -17.85
CA THR B 71 -8.33 -3.33 -17.04
C THR B 71 -9.19 -2.30 -17.77
N VAL B 72 -10.04 -2.77 -18.68
CA VAL B 72 -10.89 -1.86 -19.42
C VAL B 72 -12.32 -1.87 -18.93
N GLU B 73 -12.61 -2.78 -17.99
CA GLU B 73 -13.97 -2.93 -17.47
C GLU B 73 -14.61 -1.67 -16.90
N HIS B 74 -13.94 -1.00 -15.98
CA HIS B 74 -14.53 0.18 -15.38
C HIS B 74 -14.82 1.25 -16.42
N ILE B 75 -13.80 1.69 -17.15
CA ILE B 75 -14.00 2.71 -18.18
C ILE B 75 -15.16 2.31 -19.10
N LEU B 76 -15.18 1.06 -19.54
CA LEU B 76 -16.27 0.59 -20.40
C LEU B 76 -17.61 0.60 -19.68
N SER B 77 -17.63 0.08 -18.45
CA SER B 77 -18.86 0.06 -17.69
C SER B 77 -19.52 1.41 -17.62
N VAL B 78 -18.75 2.44 -17.27
CA VAL B 78 -19.32 3.79 -17.20
C VAL B 78 -19.86 4.18 -18.58
N LEU B 79 -19.02 4.11 -19.61
CA LEU B 79 -19.46 4.45 -20.96
C LEU B 79 -20.75 3.70 -21.30
N HIS B 80 -20.89 2.49 -20.77
CA HIS B 80 -22.09 1.69 -21.01
C HIS B 80 -23.28 2.24 -20.21
N LEU B 81 -23.02 2.66 -19.00
CA LEU B 81 -24.09 3.21 -18.19
C LEU B 81 -24.56 4.53 -18.78
N LEU B 82 -23.61 5.37 -19.20
CA LEU B 82 -23.95 6.67 -19.79
C LEU B 82 -24.39 6.54 -21.23
N GLU B 83 -24.39 5.32 -21.75
CA GLU B 83 -24.81 5.10 -23.13
C GLU B 83 -24.05 6.00 -24.11
N ILE B 84 -22.73 6.05 -23.94
CA ILE B 84 -21.86 6.82 -24.84
C ILE B 84 -21.47 5.73 -25.84
N THR B 85 -21.75 5.94 -27.12
CA THR B 85 -21.47 4.89 -28.09
C THR B 85 -20.29 5.07 -29.03
N ASN B 86 -19.98 6.32 -29.39
CA ASN B 86 -18.88 6.52 -30.31
C ASN B 86 -17.80 7.38 -29.68
N VAL B 87 -16.69 6.73 -29.34
CA VAL B 87 -15.55 7.42 -28.77
C VAL B 87 -14.31 6.57 -29.03
N THR B 88 -13.16 7.18 -28.79
CA THR B 88 -11.88 6.52 -28.96
C THR B 88 -11.12 6.74 -27.67
N ILE B 89 -10.71 5.65 -27.03
CA ILE B 89 -9.97 5.76 -25.79
C ILE B 89 -8.49 5.59 -26.05
N GLU B 90 -7.78 6.71 -26.04
CA GLU B 90 -6.35 6.67 -26.29
C GLU B 90 -5.68 6.29 -24.97
N VAL B 91 -4.83 5.29 -25.04
CA VAL B 91 -4.12 4.84 -23.86
C VAL B 91 -2.64 4.97 -24.05
N ILE B 92 -2.00 5.70 -23.16
CA ILE B 92 -0.57 5.87 -23.20
C ILE B 92 -0.07 5.03 -22.03
N GLY B 93 0.12 3.75 -22.32
CA GLY B 93 0.58 2.80 -21.32
C GLY B 93 0.13 1.40 -21.69
N ASN B 94 -0.23 0.62 -20.67
CA ASN B 94 -0.68 -0.76 -20.89
C ASN B 94 -1.92 -1.13 -20.08
N GLU B 95 -2.55 -0.14 -19.47
CA GLU B 95 -3.71 -0.39 -18.64
C GLU B 95 -4.43 0.90 -18.27
N ILE B 96 -5.77 0.87 -18.32
CA ILE B 96 -6.57 2.03 -17.96
C ILE B 96 -6.27 2.30 -16.48
N PRO B 97 -6.09 3.57 -16.12
CA PRO B 97 -5.80 3.95 -14.72
C PRO B 97 -6.92 3.53 -13.78
N ILE B 98 -6.52 3.06 -12.60
CA ILE B 98 -7.45 2.58 -11.59
C ILE B 98 -8.17 3.68 -10.82
N LEU B 99 -7.51 4.83 -10.73
CA LEU B 99 -8.05 5.97 -9.99
C LEU B 99 -8.46 5.56 -8.57
N ASP B 100 -9.67 5.92 -8.13
CA ASP B 100 -10.06 5.56 -6.77
C ASP B 100 -10.60 4.15 -6.62
N GLY B 101 -10.53 3.36 -7.69
CA GLY B 101 -11.00 1.99 -7.61
C GLY B 101 -12.46 1.79 -8.02
N SER B 102 -13.13 2.89 -8.38
CA SER B 102 -14.52 2.84 -8.80
C SER B 102 -14.63 3.55 -10.15
N GLY B 103 -15.86 3.72 -10.62
CA GLY B 103 -16.05 4.40 -11.88
C GLY B 103 -16.46 5.83 -11.62
N TRP B 104 -16.36 6.25 -10.36
CA TRP B 104 -16.77 7.58 -10.00
C TRP B 104 -16.17 8.71 -10.78
N GLU B 105 -14.84 8.77 -10.85
CA GLU B 105 -14.22 9.87 -11.56
C GLU B 105 -14.62 9.94 -13.02
N PHE B 106 -14.62 8.81 -13.70
CA PHE B 106 -15.00 8.84 -15.10
C PHE B 106 -16.42 9.37 -15.22
N TYR B 107 -17.36 8.69 -14.56
CA TYR B 107 -18.77 9.08 -14.59
C TYR B 107 -18.96 10.58 -14.45
N GLU B 108 -18.56 11.09 -13.30
CA GLU B 108 -18.69 12.51 -12.99
C GLU B 108 -18.16 13.42 -14.12
N ALA B 109 -17.08 13.02 -14.78
CA ALA B 109 -16.50 13.83 -15.85
C ALA B 109 -17.13 13.60 -17.23
N ILE B 110 -17.47 12.35 -17.54
CA ILE B 110 -18.09 12.05 -18.83
C ILE B 110 -19.52 12.61 -18.89
N ARG B 111 -20.26 12.45 -17.80
CA ARG B 111 -21.65 12.92 -17.71
C ARG B 111 -21.82 14.36 -18.17
N LYS B 112 -20.90 15.22 -17.76
CA LYS B 112 -20.94 16.63 -18.15
C LYS B 112 -20.96 16.74 -19.67
N ASN B 113 -19.87 16.31 -20.28
CA ASN B 113 -19.69 16.38 -21.71
C ASN B 113 -20.33 15.33 -22.60
N ILE B 114 -21.64 15.16 -22.47
CA ILE B 114 -22.34 14.21 -23.33
C ILE B 114 -22.84 15.05 -24.52
N LEU B 115 -22.77 14.48 -25.71
CA LEU B 115 -23.23 15.18 -26.91
C LEU B 115 -24.17 14.31 -27.71
N ASN B 116 -25.44 14.68 -27.73
CA ASN B 116 -26.44 13.93 -28.46
C ASN B 116 -26.16 13.93 -29.94
N GLN B 117 -26.63 12.90 -30.63
CA GLN B 117 -26.42 12.77 -32.06
C GLN B 117 -27.68 12.25 -32.75
N ASN B 118 -27.81 12.60 -34.03
CA ASN B 118 -28.96 12.19 -34.83
C ASN B 118 -28.83 10.76 -35.36
N ARG B 119 -29.06 9.77 -34.50
CA ARG B 119 -28.96 8.38 -34.90
C ARG B 119 -29.41 7.49 -33.74
N GLU B 120 -30.54 6.82 -33.93
CA GLU B 120 -31.10 5.94 -32.90
C GLU B 120 -30.20 4.74 -32.62
N ILE B 121 -29.76 4.61 -31.37
CA ILE B 121 -28.90 3.51 -30.97
C ILE B 121 -29.54 2.18 -31.34
N ASP B 122 -28.73 1.30 -31.91
CA ASP B 122 -29.19 -0.03 -32.30
C ASP B 122 -28.77 -0.95 -31.16
N TYR B 123 -29.57 -0.99 -30.10
CA TYR B 123 -29.22 -1.83 -28.94
C TYR B 123 -29.02 -3.30 -29.26
N PHE B 124 -28.30 -4.00 -28.36
CA PHE B 124 -28.06 -5.43 -28.51
C PHE B 124 -29.10 -6.10 -27.62
N VAL B 125 -30.13 -6.68 -28.23
CA VAL B 125 -31.19 -7.30 -27.46
C VAL B 125 -31.01 -8.78 -27.20
N VAL B 126 -31.23 -9.17 -25.94
CA VAL B 126 -31.13 -10.57 -25.56
C VAL B 126 -32.48 -11.09 -26.02
N GLU B 127 -32.46 -11.98 -27.01
CA GLU B 127 -33.71 -12.50 -27.57
C GLU B 127 -34.33 -13.68 -26.84
N GLU B 128 -33.52 -14.48 -26.15
CA GLU B 128 -34.06 -15.61 -25.40
C GLU B 128 -33.09 -16.20 -24.37
N PRO B 129 -33.62 -16.75 -23.27
CA PRO B 129 -32.89 -17.37 -22.16
C PRO B 129 -31.57 -18.04 -22.51
N ILE B 130 -30.64 -17.98 -21.56
CA ILE B 130 -29.33 -18.59 -21.73
C ILE B 130 -28.63 -18.67 -20.37
N ILE B 131 -27.83 -19.71 -20.19
CA ILE B 131 -27.14 -19.91 -18.93
C ILE B 131 -25.72 -20.40 -19.18
N VAL B 132 -24.83 -20.08 -18.26
CA VAL B 132 -23.45 -20.50 -18.35
C VAL B 132 -22.94 -20.83 -16.96
N GLU B 133 -22.27 -21.96 -16.83
CA GLU B 133 -21.73 -22.38 -15.54
C GLU B 133 -20.21 -22.43 -15.61
N ASP B 134 -19.59 -22.82 -14.50
CA ASP B 134 -18.15 -22.93 -14.41
C ASP B 134 -17.81 -23.16 -12.95
N GLU B 135 -18.14 -24.35 -12.46
CA GLU B 135 -17.90 -24.74 -11.07
C GLU B 135 -18.52 -23.79 -10.05
N GLY B 136 -19.77 -24.09 -9.69
CA GLY B 136 -20.47 -23.28 -8.71
C GLY B 136 -20.90 -21.94 -9.28
N ARG B 137 -19.98 -21.30 -10.01
CA ARG B 137 -20.23 -19.99 -10.63
C ARG B 137 -21.23 -20.16 -11.79
N LEU B 138 -22.25 -19.30 -11.81
CA LEU B 138 -23.26 -19.33 -12.85
C LEU B 138 -23.84 -17.97 -13.19
N ILE B 139 -24.15 -17.77 -14.46
CA ILE B 139 -24.76 -16.52 -14.92
C ILE B 139 -25.95 -16.91 -15.78
N LYS B 140 -27.07 -16.23 -15.56
CA LYS B 140 -28.31 -16.48 -16.28
C LYS B 140 -28.72 -15.16 -16.94
N ALA B 141 -29.04 -15.21 -18.22
CA ALA B 141 -29.44 -14.01 -18.92
C ALA B 141 -30.68 -14.27 -19.76
N GLU B 142 -31.72 -13.49 -19.53
CA GLU B 142 -32.96 -13.63 -20.28
C GLU B 142 -33.33 -12.27 -20.89
N PRO B 143 -34.34 -12.24 -21.76
CA PRO B 143 -34.82 -11.02 -22.44
C PRO B 143 -35.45 -9.98 -21.53
N SER B 144 -35.21 -8.71 -21.83
CA SER B 144 -35.79 -7.64 -21.03
C SER B 144 -35.85 -6.29 -21.73
N ASP B 145 -36.96 -5.60 -21.53
CA ASP B 145 -37.23 -4.29 -22.10
C ASP B 145 -36.15 -3.31 -21.70
N THR B 146 -35.58 -3.51 -20.50
CA THR B 146 -34.54 -2.62 -19.96
C THR B 146 -33.28 -3.38 -19.61
N LEU B 147 -32.33 -2.66 -19.02
CA LEU B 147 -31.09 -3.29 -18.58
C LEU B 147 -31.26 -3.53 -17.08
N GLU B 148 -31.14 -4.79 -16.69
CA GLU B 148 -31.33 -5.17 -15.31
C GLU B 148 -30.34 -6.25 -14.98
N VAL B 149 -29.48 -5.97 -14.00
CA VAL B 149 -28.45 -6.92 -13.61
C VAL B 149 -28.36 -7.11 -12.11
N THR B 150 -28.32 -8.38 -11.72
CA THR B 150 -28.24 -8.74 -10.31
C THR B 150 -27.03 -9.64 -10.07
N TYR B 151 -26.34 -9.40 -8.97
CA TYR B 151 -25.18 -10.21 -8.62
C TYR B 151 -25.41 -10.69 -7.21
N GLU B 152 -25.19 -11.98 -6.97
CA GLU B 152 -25.34 -12.53 -5.63
C GLU B 152 -24.02 -13.14 -5.19
N GLY B 153 -23.57 -12.80 -3.99
CA GLY B 153 -22.33 -13.34 -3.50
C GLY B 153 -22.50 -14.31 -2.36
N GLU B 154 -21.54 -15.22 -2.23
CA GLU B 154 -21.54 -16.23 -1.18
C GLU B 154 -20.17 -16.10 -0.54
N PHE B 155 -19.90 -14.91 -0.01
CA PHE B 155 -18.62 -14.58 0.59
C PHE B 155 -18.24 -15.40 1.81
N LYS B 156 -17.00 -15.87 1.79
CA LYS B 156 -16.46 -16.71 2.87
C LYS B 156 -16.23 -15.95 4.16
N ASN B 157 -16.11 -14.63 4.08
CA ASN B 157 -15.87 -13.85 5.28
C ASN B 157 -17.19 -13.28 5.84
N PHE B 158 -17.07 -12.35 6.78
CA PHE B 158 -18.22 -11.75 7.43
C PHE B 158 -19.33 -11.23 6.52
N LEU B 159 -19.03 -11.00 5.25
CA LEU B 159 -20.06 -10.52 4.33
C LEU B 159 -21.22 -11.51 4.23
N GLY B 160 -20.90 -12.78 4.04
CA GLY B 160 -21.95 -13.77 3.96
C GLY B 160 -22.58 -13.78 2.59
N ARG B 161 -23.91 -13.97 2.56
CA ARG B 161 -24.68 -14.02 1.32
C ARG B 161 -25.51 -12.76 1.10
N GLN B 162 -25.06 -11.93 0.18
CA GLN B 162 -25.80 -10.72 -0.14
C GLN B 162 -25.85 -10.53 -1.64
N LYS B 163 -26.84 -9.79 -2.11
CA LYS B 163 -26.94 -9.56 -3.53
C LYS B 163 -27.51 -8.18 -3.77
N PHE B 164 -27.20 -7.63 -4.95
CA PHE B 164 -27.66 -6.31 -5.33
C PHE B 164 -28.23 -6.37 -6.74
N THR B 165 -29.13 -5.44 -7.06
CA THR B 165 -29.76 -5.41 -8.38
C THR B 165 -29.77 -4.01 -9.01
N PHE B 166 -29.21 -3.90 -10.20
CA PHE B 166 -29.20 -2.63 -10.91
C PHE B 166 -30.29 -2.57 -11.98
N VAL B 167 -30.93 -1.42 -12.09
CA VAL B 167 -31.97 -1.18 -13.08
C VAL B 167 -31.70 0.22 -13.63
N GLU B 168 -32.08 0.44 -14.89
CA GLU B 168 -31.88 1.75 -15.53
C GLU B 168 -32.39 2.87 -14.63
N GLY B 169 -31.59 3.91 -14.49
CA GLY B 169 -31.96 5.05 -13.66
C GLY B 169 -31.32 4.99 -12.29
N ASN B 170 -30.53 3.94 -12.07
CA ASN B 170 -29.84 3.70 -10.82
C ASN B 170 -28.31 3.64 -11.02
N GLU B 171 -27.79 4.43 -11.95
CA GLU B 171 -26.34 4.42 -12.18
C GLU B 171 -25.57 4.90 -10.97
N GLU B 172 -25.98 6.03 -10.40
CA GLU B 172 -25.28 6.58 -9.24
C GLU B 172 -25.19 5.63 -8.06
N GLU B 173 -25.84 4.49 -8.17
CA GLU B 173 -25.82 3.52 -7.09
C GLU B 173 -24.67 2.53 -7.19
N ILE B 174 -24.02 2.47 -8.34
CA ILE B 174 -22.91 1.54 -8.54
C ILE B 174 -21.64 2.14 -9.12
N VAL B 175 -21.70 3.37 -9.60
CA VAL B 175 -20.51 4.00 -10.17
C VAL B 175 -19.57 4.42 -9.07
N LEU B 176 -20.00 4.23 -7.83
CA LEU B 176 -19.19 4.61 -6.69
C LEU B 176 -18.57 3.44 -5.93
N ALA B 177 -19.00 2.22 -6.24
CA ALA B 177 -18.46 1.06 -5.56
C ALA B 177 -17.02 0.79 -6.02
N ARG B 178 -16.12 0.62 -5.05
CA ARG B 178 -14.73 0.37 -5.34
C ARG B 178 -14.40 -1.09 -5.60
N THR B 179 -13.15 -1.33 -5.97
CA THR B 179 -12.68 -2.68 -6.21
C THR B 179 -12.30 -3.27 -4.87
N PHE B 180 -12.50 -4.58 -4.70
CA PHE B 180 -12.18 -5.23 -3.44
C PHE B 180 -11.36 -6.51 -3.58
N ALA B 181 -10.72 -6.90 -2.49
CA ALA B 181 -9.90 -8.10 -2.44
C ALA B 181 -9.83 -8.51 -1.00
N PHE B 182 -9.79 -9.81 -0.71
CA PHE B 182 -9.69 -10.26 0.67
C PHE B 182 -8.22 -10.35 1.04
N ASP B 183 -7.88 -10.39 2.32
CA ASP B 183 -6.47 -10.48 2.65
C ASP B 183 -5.89 -11.78 2.11
N TRP B 184 -6.68 -12.86 2.17
CA TRP B 184 -6.25 -14.17 1.69
C TRP B 184 -6.32 -14.32 0.16
N GLU B 185 -6.31 -13.02 -0.22
N GLU B 185 -5.13 -13.92 -0.36
CA GLU B 185 -6.44 -12.51 -1.57
CA GLU B 185 -4.66 -14.05 -1.79
C GLU B 185 -5.39 -11.43 -1.89
C GLU B 185 -3.94 -12.77 -2.23
N ILE B 186 -4.11 -11.63 -1.55
CA ILE B 186 -3.24 -10.51 -1.92
C ILE B 186 -1.89 -11.12 -2.26
N GLU B 187 -1.45 -12.05 -1.42
CA GLU B 187 -0.19 -12.72 -1.67
C GLU B 187 -0.26 -13.32 -3.07
N HIS B 188 -1.18 -14.25 -3.27
CA HIS B 188 -1.36 -14.89 -4.58
C HIS B 188 -1.29 -13.91 -5.74
N ILE B 189 -2.13 -12.87 -5.70
CA ILE B 189 -2.18 -11.85 -6.74
C ILE B 189 -0.84 -11.22 -7.05
N LYS B 190 -0.11 -10.84 -6.00
CA LYS B 190 1.20 -10.22 -6.18
C LYS B 190 2.20 -11.23 -6.76
N LYS B 191 2.04 -12.49 -6.39
CA LYS B 191 2.93 -13.57 -6.83
C LYS B 191 2.76 -13.93 -8.29
N VAL B 192 1.55 -13.83 -8.82
CA VAL B 192 1.33 -14.16 -10.22
C VAL B 192 1.51 -12.89 -11.05
N GLY B 193 2.30 -11.96 -10.50
CA GLY B 193 2.62 -10.70 -11.17
C GLY B 193 1.48 -9.76 -11.46
N LEU B 194 0.71 -9.39 -10.43
CA LEU B 194 -0.43 -8.47 -10.58
C LEU B 194 -0.61 -7.59 -9.33
N GLY B 195 -1.46 -6.59 -9.45
CA GLY B 195 -1.71 -5.71 -8.31
C GLY B 195 -0.55 -4.85 -7.90
N LYS B 196 0.43 -4.67 -8.79
CA LYS B 196 1.59 -3.87 -8.50
C LYS B 196 1.19 -2.43 -8.11
N GLY B 197 0.02 -1.99 -8.56
CA GLY B 197 -0.42 -0.65 -8.24
C GLY B 197 -1.38 -0.58 -7.06
N GLY B 198 -1.87 -1.74 -6.61
CA GLY B 198 -2.81 -1.78 -5.50
C GLY B 198 -2.39 -1.14 -4.18
N SER B 199 -3.36 -0.56 -3.49
CA SER B 199 -3.13 0.09 -2.20
C SER B 199 -4.48 0.31 -1.55
N LEU B 200 -4.49 0.68 -0.28
CA LEU B 200 -5.75 0.94 0.39
C LEU B 200 -6.41 2.20 -0.15
N LYS B 201 -5.67 2.97 -0.96
CA LYS B 201 -6.23 4.20 -1.53
C LYS B 201 -6.98 3.92 -2.83
N ASN B 202 -6.64 2.81 -3.49
CA ASN B 202 -7.28 2.45 -4.74
C ASN B 202 -8.08 1.14 -4.64
N THR B 203 -7.78 0.35 -3.60
CA THR B 203 -8.45 -0.94 -3.39
C THR B 203 -9.03 -1.06 -2.01
N LEU B 204 -10.14 -1.76 -1.91
CA LEU B 204 -10.77 -1.97 -0.62
C LEU B 204 -10.48 -3.38 -0.16
N VAL B 205 -9.61 -3.50 0.82
CA VAL B 205 -9.17 -4.79 1.36
C VAL B 205 -10.02 -5.32 2.52
N LEU B 206 -10.55 -6.51 2.37
CA LEU B 206 -11.40 -7.12 3.39
C LEU B 206 -10.71 -8.27 4.11
N GLY B 207 -10.88 -8.32 5.42
CA GLY B 207 -10.27 -9.39 6.19
C GLY B 207 -11.26 -10.50 6.36
N LYS B 208 -10.88 -11.53 7.12
CA LYS B 208 -11.76 -12.67 7.36
C LYS B 208 -13.02 -12.17 8.08
N ASP B 209 -12.90 -11.01 8.72
CA ASP B 209 -14.02 -10.45 9.46
C ASP B 209 -13.65 -9.06 9.95
N LYS B 210 -13.11 -8.26 9.05
CA LYS B 210 -12.70 -6.89 9.35
C LYS B 210 -12.47 -6.17 8.02
N VAL B 211 -12.35 -4.85 8.09
CA VAL B 211 -12.11 -4.04 6.91
C VAL B 211 -10.85 -3.26 7.17
N TYR B 212 -9.77 -3.58 6.45
CA TYR B 212 -8.49 -2.91 6.63
C TYR B 212 -8.57 -1.42 6.37
N ASN B 213 -9.11 -1.03 5.22
CA ASN B 213 -9.22 0.39 4.90
C ASN B 213 -9.80 1.11 6.10
N PRO B 214 -9.17 2.21 6.53
CA PRO B 214 -9.69 2.94 7.68
C PRO B 214 -10.98 3.68 7.33
N GLU B 215 -11.16 3.92 6.03
CA GLU B 215 -12.32 4.63 5.51
C GLU B 215 -13.59 3.77 5.51
N GLY B 216 -13.50 2.55 6.03
CA GLY B 216 -14.67 1.68 6.06
C GLY B 216 -15.30 1.45 4.69
N LEU B 217 -16.42 0.74 4.70
CA LEU B 217 -17.15 0.44 3.48
C LEU B 217 -18.10 1.60 3.17
N ARG B 218 -18.23 1.93 1.89
CA ARG B 218 -19.13 3.00 1.48
C ARG B 218 -20.56 2.47 1.64
N TYR B 219 -20.78 1.28 1.12
CA TYR B 219 -22.09 0.65 1.23
C TYR B 219 -21.88 -0.68 1.91
N GLU B 220 -22.88 -1.08 2.69
CA GLU B 220 -22.82 -2.35 3.42
C GLU B 220 -22.37 -3.44 2.47
N ASN B 221 -22.90 -3.38 1.25
CA ASN B 221 -22.61 -4.37 0.21
C ASN B 221 -21.77 -3.86 -0.95
N GLU B 222 -20.89 -2.90 -0.67
CA GLU B 222 -20.04 -2.31 -1.71
C GLU B 222 -19.47 -3.36 -2.66
N PRO B 223 -18.91 -4.47 -2.11
CA PRO B 223 -18.36 -5.51 -2.98
C PRO B 223 -19.33 -6.01 -4.05
N VAL B 224 -20.49 -6.49 -3.63
CA VAL B 224 -21.46 -7.00 -4.58
C VAL B 224 -21.78 -5.95 -5.63
N ARG B 225 -21.88 -4.69 -5.22
CA ARG B 225 -22.17 -3.62 -6.17
C ARG B 225 -21.08 -3.56 -7.24
N HIS B 226 -19.84 -3.44 -6.81
CA HIS B 226 -18.76 -3.39 -7.80
C HIS B 226 -18.86 -4.55 -8.78
N LYS B 227 -19.10 -5.76 -8.28
CA LYS B 227 -19.21 -6.89 -9.17
C LYS B 227 -20.26 -6.65 -10.25
N VAL B 228 -21.32 -5.93 -9.90
CA VAL B 228 -22.38 -5.61 -10.86
C VAL B 228 -21.82 -4.58 -11.85
N PHE B 229 -21.09 -3.60 -11.33
CA PHE B 229 -20.45 -2.59 -12.15
C PHE B 229 -19.58 -3.35 -13.18
N ASP B 230 -18.68 -4.20 -12.69
CA ASP B 230 -17.80 -5.01 -13.54
C ASP B 230 -18.59 -5.66 -14.69
N LEU B 231 -19.55 -6.50 -14.32
CA LEU B 231 -20.36 -7.20 -15.30
C LEU B 231 -20.91 -6.27 -16.38
N ILE B 232 -21.46 -5.14 -15.97
CA ILE B 232 -22.02 -4.20 -16.93
C ILE B 232 -20.95 -3.83 -17.94
N GLY B 233 -19.82 -3.29 -17.45
CA GLY B 233 -18.75 -2.92 -18.35
C GLY B 233 -18.34 -4.08 -19.25
N ASP B 234 -18.24 -5.28 -18.68
CA ASP B 234 -17.88 -6.45 -19.46
C ASP B 234 -18.90 -6.63 -20.59
N LEU B 235 -20.18 -6.59 -20.22
CA LEU B 235 -21.25 -6.76 -21.18
C LEU B 235 -21.16 -5.82 -22.35
N TYR B 236 -20.56 -4.65 -22.14
CA TYR B 236 -20.46 -3.70 -23.23
C TYR B 236 -19.56 -4.20 -24.34
N LEU B 237 -18.97 -5.39 -24.15
CA LEU B 237 -18.09 -5.97 -25.16
C LEU B 237 -18.89 -6.64 -26.25
N LEU B 238 -20.21 -6.49 -26.18
CA LEU B 238 -21.06 -7.06 -27.21
C LEU B 238 -21.08 -6.10 -28.39
N GLY B 239 -20.50 -4.92 -28.21
CA GLY B 239 -20.42 -3.95 -29.29
C GLY B 239 -21.49 -2.89 -29.33
N SER B 240 -22.30 -2.82 -28.28
CA SER B 240 -23.36 -1.82 -28.21
C SER B 240 -24.15 -1.96 -26.92
N PRO B 241 -24.75 -0.85 -26.44
CA PRO B 241 -25.53 -0.90 -25.20
C PRO B 241 -26.37 -2.16 -25.19
N VAL B 242 -26.54 -2.74 -24.01
CA VAL B 242 -27.31 -3.98 -23.92
C VAL B 242 -28.67 -3.80 -23.29
N LYS B 243 -29.56 -4.74 -23.60
CA LYS B 243 -30.90 -4.75 -23.06
C LYS B 243 -31.29 -6.19 -22.73
N GLY B 244 -31.21 -6.53 -21.45
CA GLY B 244 -31.53 -7.88 -20.99
C GLY B 244 -31.59 -7.94 -19.47
N LYS B 245 -31.96 -9.09 -18.95
CA LYS B 245 -32.07 -9.33 -17.51
C LYS B 245 -31.02 -10.36 -17.11
N PHE B 246 -29.99 -9.92 -16.39
CA PHE B 246 -28.92 -10.84 -16.00
C PHE B 246 -28.84 -11.18 -14.52
N TYR B 247 -28.59 -12.47 -14.25
CA TYR B 247 -28.43 -12.98 -12.90
C TYR B 247 -27.05 -13.60 -12.83
N SER B 248 -26.20 -13.09 -11.94
CA SER B 248 -24.87 -13.64 -11.81
C SER B 248 -24.65 -14.08 -10.37
N PHE B 249 -24.33 -15.34 -10.18
CA PHE B 249 -24.09 -15.86 -8.84
C PHE B 249 -22.63 -16.25 -8.73
N ARG B 250 -21.87 -15.49 -7.97
CA ARG B 250 -20.44 -15.74 -7.81
C ARG B 250 -19.75 -15.62 -9.17
N GLY B 251 -20.04 -14.53 -9.88
CA GLY B 251 -19.45 -14.34 -11.19
C GLY B 251 -18.06 -13.71 -11.15
N GLY B 252 -17.48 -13.56 -12.34
CA GLY B 252 -16.16 -12.97 -12.47
C GLY B 252 -15.86 -12.78 -13.93
N HIS B 253 -15.12 -11.72 -14.26
CA HIS B 253 -14.76 -11.39 -15.64
C HIS B 253 -14.67 -12.63 -16.54
N SER B 254 -13.93 -13.63 -16.08
CA SER B 254 -13.75 -14.85 -16.83
C SER B 254 -15.08 -15.43 -17.32
N LEU B 255 -16.00 -15.70 -16.39
CA LEU B 255 -17.31 -16.24 -16.75
C LEU B 255 -18.07 -15.18 -17.54
N ASN B 256 -18.00 -13.93 -17.09
CA ASN B 256 -18.65 -12.80 -17.76
C ASN B 256 -18.41 -12.87 -19.26
N VAL B 257 -17.13 -12.84 -19.64
CA VAL B 257 -16.76 -12.91 -21.05
C VAL B 257 -17.34 -14.17 -21.69
N LYS B 258 -17.16 -15.31 -21.02
CA LYS B 258 -17.65 -16.59 -21.53
C LYS B 258 -19.10 -16.44 -21.99
N LEU B 259 -19.93 -15.87 -21.12
CA LEU B 259 -21.32 -15.64 -21.43
C LEU B 259 -21.36 -14.81 -22.70
N VAL B 260 -20.87 -13.57 -22.61
CA VAL B 260 -20.85 -12.70 -23.77
C VAL B 260 -20.50 -13.43 -25.08
N LYS B 261 -19.42 -14.20 -25.07
CA LYS B 261 -19.05 -14.90 -26.30
C LYS B 261 -20.11 -15.91 -26.70
N GLU B 262 -20.57 -16.72 -25.76
CA GLU B 262 -21.60 -17.72 -26.05
C GLU B 262 -22.98 -17.09 -26.22
N LEU B 263 -23.02 -15.77 -26.13
CA LEU B 263 -24.28 -15.04 -26.27
C LEU B 263 -24.32 -14.33 -27.61
N ALA B 264 -23.15 -14.10 -28.18
CA ALA B 264 -23.03 -13.44 -29.47
C ALA B 264 -22.86 -14.50 -30.54
N LYS B 265 -22.35 -15.67 -30.11
CA LYS B 265 -22.12 -16.78 -31.03
C LYS B 265 -23.47 -17.23 -31.56
N LYS B 266 -24.53 -16.66 -31.00
CA LYS B 266 -25.88 -16.97 -31.44
C LYS B 266 -26.32 -15.86 -32.39
N GLN B 267 -25.33 -15.36 -33.13
CA GLN B 267 -25.46 -14.30 -34.14
C GLN B 267 -26.38 -13.16 -33.73
N LYS B 268 -26.84 -13.20 -32.48
CA LYS B 268 -27.76 -12.19 -31.94
C LYS B 268 -27.22 -10.75 -32.08
#